data_6BBT
#
_entry.id   6BBT
#
_cell.length_a   51.772
_cell.length_b   114.968
_cell.length_c   128.711
_cell.angle_alpha   90.00
_cell.angle_beta   90.00
_cell.angle_gamma   90.00
#
_symmetry.space_group_name_H-M   'P 21 21 21'
#
loop_
_entity.id
_entity.type
_entity.pdbx_description
1 polymer 'Major pilin backbone protein T-antigen, T13'
2 non-polymer GLYCEROL
3 non-polymer 'CALCIUM ION'
4 non-polymer 'CHLORIDE ION'
5 water water
#
_entity_poly.entity_id   1
_entity_poly.type   'polypeptide(L)'
_entity_poly.pdbx_seq_one_letter_code
;ETAGVVTGKTLPITKSMIYTDNEILMPKTTFTFTIEPDTTASGKTKDGLEIKSGETTGLTTKAIVSYDNTDKESAKNKTS
NFNFETVTFSGIGIYRYTVSEQNDGIEGIQYDGKKWTVDVYVGNKEGGGFEPKYVVSKEVNSDVKKPIRFENSFKTTSLK
IEKQVTGNTGELQKDFNFTLILEASALYEKGQVVKIIQDGQTKDVVIGQEYKFTLHDHQSIMLAKLPIGISYKLTEDKAD
GYTTTATLKEGEIDAKEYVLGNLQKTDESADEIVVTNKRD
;
_entity_poly.pdbx_strand_id   A,B
#
# COMPACT_ATOMS: atom_id res chain seq x y z
N THR A 2 29.44 20.59 28.69
CA THR A 2 28.59 21.50 27.85
C THR A 2 27.68 20.71 26.90
N ALA A 3 26.47 21.23 26.69
CA ALA A 3 25.53 20.63 25.75
C ALA A 3 26.09 20.67 24.32
N GLY A 4 25.91 19.58 23.58
CA GLY A 4 26.38 19.51 22.20
C GLY A 4 27.88 19.31 21.99
N VAL A 5 28.63 19.07 23.08
CA VAL A 5 30.05 18.70 23.00
C VAL A 5 30.22 17.32 23.61
N VAL A 6 30.76 16.41 22.82
CA VAL A 6 30.96 15.03 23.22
C VAL A 6 32.45 14.77 23.21
N THR A 7 32.96 14.28 24.35
CA THR A 7 34.34 13.85 24.46
C THR A 7 34.38 12.38 24.06
N GLY A 8 34.97 12.10 22.91
CA GLY A 8 34.93 10.76 22.34
C GLY A 8 34.95 10.77 20.84
N LYS A 9 34.49 9.65 20.27
CA LYS A 9 34.58 9.38 18.84
C LYS A 9 33.24 9.18 18.15
N THR A 10 32.14 9.37 18.88
CA THR A 10 30.80 9.11 18.36
C THR A 10 29.92 10.32 18.47
N LEU A 11 28.99 10.44 17.54
CA LEU A 11 28.01 11.50 17.54
C LEU A 11 26.66 10.87 17.89
N PRO A 12 26.09 11.16 19.06
CA PRO A 12 24.73 10.69 19.34
C PRO A 12 23.65 11.40 18.52
N ILE A 13 22.61 10.67 18.16
CA ILE A 13 21.42 11.20 17.51
C ILE A 13 20.20 10.79 18.34
N THR A 14 19.30 11.74 18.60
CA THR A 14 18.04 11.45 19.26
C THR A 14 16.92 11.70 18.28
N LYS A 15 15.96 10.79 18.26
CA LYS A 15 14.75 10.96 17.50
C LYS A 15 13.61 10.98 18.47
N SER A 16 12.77 12.01 18.39
CA SER A 16 11.54 12.07 19.16
C SER A 16 10.37 12.07 18.19
N MET A 17 9.44 11.15 18.40
CA MET A 17 8.18 11.16 17.69
C MET A 17 7.16 11.83 18.62
N ILE A 18 6.46 12.83 18.12
CA ILE A 18 5.39 13.47 18.88
C ILE A 18 4.29 12.41 19.04
N TYR A 19 4.02 12.04 20.29
CA TYR A 19 3.07 11.00 20.60
C TYR A 19 2.51 11.20 22.01
N THR A 20 1.22 11.49 22.09
CA THR A 20 0.59 11.87 23.35
C THR A 20 -0.63 11.04 23.73
N ASP A 21 -0.98 10.03 22.93
CA ASP A 21 -2.24 9.30 23.16
C ASP A 21 -2.06 7.82 22.79
N ASN A 22 -2.06 6.96 23.81
CA ASN A 22 -1.86 5.54 23.61
C ASN A 22 -2.94 4.81 22.83
N GLU A 23 -4.11 5.43 22.64
CA GLU A 23 -5.14 4.88 21.76
C GLU A 23 -4.76 4.92 20.26
N ILE A 24 -3.79 5.75 19.92
CA ILE A 24 -3.33 5.89 18.53
C ILE A 24 -2.24 4.88 18.25
N LEU A 25 -2.31 4.27 17.07
CA LEU A 25 -1.27 3.31 16.65
C LEU A 25 -0.05 4.04 16.11
N MET A 26 1.10 3.88 16.77
CA MET A 26 2.39 4.34 16.22
C MET A 26 2.65 3.63 14.87
N PRO A 27 3.02 4.39 13.80
CA PRO A 27 3.36 3.70 12.57
C PRO A 27 4.60 2.79 12.69
N LYS A 28 4.54 1.63 12.05
CA LYS A 28 5.72 0.78 11.91
C LYS A 28 6.58 1.32 10.76
N THR A 29 7.68 1.98 11.11
CA THR A 29 8.49 2.67 10.11
C THR A 29 9.90 2.93 10.63
N THR A 30 10.79 3.40 9.76
CA THR A 30 12.15 3.74 10.18
C THR A 30 12.39 5.18 9.81
N PHE A 31 13.28 5.81 10.54
CA PHE A 31 13.82 7.11 10.14
C PHE A 31 15.31 6.94 9.91
N THR A 32 15.82 7.58 8.87
CA THR A 32 17.19 7.44 8.46
C THR A 32 17.86 8.81 8.55
N PHE A 33 19.02 8.84 9.21
CA PHE A 33 19.82 10.04 9.28
C PHE A 33 21.05 9.83 8.40
N THR A 34 21.45 10.89 7.72
CA THR A 34 22.54 10.87 6.77
C THR A 34 23.58 11.85 7.25
N ILE A 35 24.85 11.48 7.09
CA ILE A 35 25.97 12.38 7.32
C ILE A 35 26.74 12.48 6.00
N GLU A 36 27.05 13.70 5.59
CA GLU A 36 27.87 13.96 4.41
C GLU A 36 28.90 15.05 4.71
N PRO A 37 29.99 15.12 3.92
CA PRO A 37 30.94 16.23 4.07
C PRO A 37 30.31 17.59 3.81
N ASP A 38 30.69 18.57 4.60
CA ASP A 38 30.45 19.97 4.26
C ASP A 38 31.53 20.32 3.23
N THR A 39 31.14 20.33 1.96
CA THR A 39 32.08 20.42 0.82
C THR A 39 32.72 21.78 0.65
N THR A 40 32.14 22.80 1.30
CA THR A 40 32.63 24.17 1.22
C THR A 40 33.33 24.62 2.50
N ALA A 41 33.55 23.69 3.44
CA ALA A 41 34.18 24.04 4.70
C ALA A 41 35.68 24.39 4.52
N SER A 42 36.11 25.53 5.07
CA SER A 42 37.53 25.95 5.04
C SER A 42 37.77 27.09 6.05
N GLY A 43 39.02 27.53 6.17
CA GLY A 43 39.39 28.63 7.06
C GLY A 43 40.08 28.13 8.32
N LEU A 49 43.21 25.84 14.35
CA LEU A 49 43.25 24.62 13.53
C LEU A 49 42.61 24.84 12.15
N GLU A 50 42.97 24.05 11.17
CA GLU A 50 42.31 24.17 9.89
C GLU A 50 40.94 23.43 9.91
N ILE A 51 39.97 24.02 9.26
CA ILE A 51 38.65 23.46 9.10
C ILE A 51 38.72 22.80 7.74
N LYS A 52 38.37 21.54 7.69
CA LYS A 52 38.40 20.78 6.43
C LYS A 52 37.04 20.16 6.17
N SER A 53 36.80 19.79 4.92
CA SER A 53 35.62 18.98 4.56
C SER A 53 35.72 17.64 5.25
N GLY A 54 34.61 17.16 5.82
CA GLY A 54 34.62 15.89 6.54
C GLY A 54 35.10 14.74 5.66
N GLU A 55 35.91 13.84 6.22
CA GLU A 55 36.41 12.66 5.49
C GLU A 55 35.54 11.43 5.78
N THR A 56 35.16 10.72 4.71
CA THR A 56 34.19 9.63 4.78
C THR A 56 34.76 8.23 4.53
N THR A 57 36.08 8.09 4.39
CA THR A 57 36.70 6.78 4.20
C THR A 57 36.61 5.95 5.47
N GLY A 58 35.84 4.85 5.41
CA GLY A 58 35.57 4.01 6.58
C GLY A 58 34.42 4.47 7.46
N LEU A 59 33.68 5.49 7.02
CA LEU A 59 32.53 6.03 7.79
C LEU A 59 31.24 5.41 7.28
N THR A 60 30.49 4.79 8.18
CA THR A 60 29.11 4.42 7.88
C THR A 60 28.31 5.72 7.88
N THR A 61 27.75 6.08 6.72
CA THR A 61 27.14 7.39 6.53
C THR A 61 25.62 7.44 6.79
N LYS A 62 25.04 6.32 7.22
CA LYS A 62 23.62 6.18 7.55
C LYS A 62 23.47 5.66 8.99
N ALA A 63 22.57 6.28 9.75
CA ALA A 63 22.12 5.76 11.03
C ALA A 63 20.57 5.67 10.99
N ILE A 64 20.01 4.66 11.65
CA ILE A 64 18.57 4.43 11.58
C ILE A 64 17.96 4.17 12.95
N VAL A 65 16.71 4.57 13.12
CA VAL A 65 15.91 4.17 14.30
C VAL A 65 14.62 3.61 13.73
N SER A 66 13.99 2.73 14.50
CA SER A 66 12.81 2.01 14.05
C SER A 66 11.71 2.19 15.05
N TYR A 67 10.50 2.41 14.55
CA TYR A 67 9.29 2.38 15.37
C TYR A 67 8.40 1.21 14.96
N ASP A 68 7.55 0.79 15.90
N ASP A 68 7.61 0.68 15.88
CA ASP A 68 6.68 -0.37 15.77
CA ASP A 68 6.57 -0.25 15.49
C ASP A 68 5.29 0.02 16.25
C ASP A 68 5.29 0.00 16.27
N ASN A 69 4.27 -0.74 15.89
CA ASN A 69 2.91 -0.53 16.42
C ASN A 69 2.80 -0.70 17.94
N THR A 70 3.71 -1.45 18.56
CA THR A 70 3.71 -1.60 20.00
C THR A 70 4.33 -0.42 20.77
N ASP A 71 4.97 0.52 20.06
CA ASP A 71 5.58 1.66 20.73
C ASP A 71 4.50 2.64 21.19
N LYS A 72 4.50 2.91 22.49
CA LYS A 72 3.55 3.80 23.13
C LYS A 72 4.34 5.00 23.70
N GLU A 73 3.68 5.77 24.57
CA GLU A 73 4.23 6.98 25.20
C GLU A 73 5.64 6.81 25.68
N SER A 74 5.89 5.69 26.31
CA SER A 74 7.18 5.33 26.88
C SER A 74 8.25 4.89 25.87
N ALA A 75 7.93 4.77 24.59
CA ALA A 75 8.92 4.35 23.61
C ALA A 75 9.00 5.30 22.41
N LYS A 76 8.56 6.54 22.62
CA LYS A 76 8.46 7.49 21.51
C LYS A 76 9.81 8.10 21.14
N ASN A 77 10.79 8.05 22.05
CA ASN A 77 12.12 8.59 21.79
C ASN A 77 13.09 7.47 21.55
N LYS A 78 13.90 7.58 20.50
CA LYS A 78 14.87 6.56 20.12
C LYS A 78 16.23 7.24 19.99
N THR A 79 17.29 6.44 20.05
CA THR A 79 18.64 6.95 19.87
C THR A 79 19.44 6.11 18.90
N SER A 80 20.33 6.76 18.17
CA SER A 80 21.31 6.08 17.36
C SER A 80 22.61 6.88 17.44
N ASN A 81 23.57 6.56 16.60
CA ASN A 81 24.79 7.37 16.54
C ASN A 81 25.52 7.22 15.22
N PHE A 82 26.46 8.11 14.99
CA PHE A 82 27.47 7.92 13.96
C PHE A 82 28.78 7.67 14.67
N ASN A 83 29.62 6.83 14.09
CA ASN A 83 30.85 6.46 14.70
C ASN A 83 32.03 6.89 13.85
N PHE A 84 32.83 7.81 14.40
CA PHE A 84 34.02 8.31 13.72
C PHE A 84 35.30 7.52 14.03
N GLU A 85 35.26 6.67 15.06
CA GLU A 85 36.35 5.72 15.37
C GLU A 85 36.87 4.96 14.15
N THR A 86 35.97 4.61 13.23
CA THR A 86 36.30 3.78 12.08
C THR A 86 36.93 4.52 10.90
N VAL A 87 37.08 5.84 10.98
CA VAL A 87 37.50 6.64 9.84
C VAL A 87 39.04 6.82 9.81
N THR A 88 39.61 6.78 8.61
CA THR A 88 41.02 7.13 8.40
C THR A 88 41.12 8.61 7.99
N PHE A 89 41.49 9.45 8.94
CA PHE A 89 41.74 10.87 8.69
C PHE A 89 43.19 11.08 8.24
N SER A 90 43.38 11.85 7.18
CA SER A 90 44.72 12.10 6.62
C SER A 90 45.60 13.04 7.47
N GLY A 91 45.02 13.81 8.38
CA GLY A 91 45.80 14.69 9.26
C GLY A 91 44.97 15.27 10.39
N ILE A 92 45.64 15.97 11.32
CA ILE A 92 44.92 16.65 12.42
C ILE A 92 44.07 17.80 11.88
N GLY A 93 43.07 18.19 12.66
CA GLY A 93 42.20 19.31 12.31
C GLY A 93 40.75 19.13 12.72
N ILE A 94 39.92 20.01 12.21
CA ILE A 94 38.49 19.99 12.47
C ILE A 94 37.81 19.60 11.16
N TYR A 95 37.07 18.49 11.21
CA TYR A 95 36.41 17.96 10.04
C TYR A 95 34.91 18.17 10.21
N ARG A 96 34.33 18.83 9.22
CA ARG A 96 32.97 19.34 9.29
C ARG A 96 32.03 18.55 8.40
N TYR A 97 30.90 18.15 8.98
CA TYR A 97 29.90 17.35 8.28
C TYR A 97 28.52 17.97 8.45
N THR A 98 27.62 17.60 7.56
CA THR A 98 26.22 17.97 7.66
C THR A 98 25.42 16.71 7.96
N VAL A 99 24.53 16.79 8.97
CA VAL A 99 23.64 15.68 9.35
C VAL A 99 22.20 16.12 9.08
N SER A 100 21.44 15.26 8.42
CA SER A 100 20.03 15.52 8.15
C SER A 100 19.25 14.24 8.28
N GLU A 101 17.93 14.39 8.26
CA GLU A 101 17.01 13.26 8.27
C GLU A 101 16.40 13.17 6.90
N GLN A 102 16.40 11.98 6.34
CA GLN A 102 15.74 11.70 5.07
C GLN A 102 14.22 11.84 5.16
N ASN A 103 13.64 12.53 4.21
CA ASN A 103 12.20 12.55 4.04
C ASN A 103 11.75 11.35 3.21
N ASP A 104 11.25 10.31 3.88
CA ASP A 104 10.83 9.08 3.16
C ASP A 104 9.47 9.20 2.50
N GLY A 105 8.72 10.27 2.77
CA GLY A 105 7.44 10.51 2.10
C GLY A 105 6.31 9.53 2.41
N ILE A 106 6.37 8.86 3.56
CA ILE A 106 5.34 7.90 4.02
C ILE A 106 4.07 8.67 4.35
N GLU A 107 2.93 8.19 3.86
CA GLU A 107 1.65 8.90 4.01
C GLU A 107 1.32 9.07 5.48
N GLY A 108 0.99 10.31 5.86
CA GLY A 108 0.65 10.66 7.23
C GLY A 108 1.80 11.14 8.11
N ILE A 109 3.04 10.94 7.69
CA ILE A 109 4.19 11.28 8.54
C ILE A 109 4.75 12.64 8.14
N GLN A 110 5.06 13.46 9.14
CA GLN A 110 5.73 14.75 8.98
C GLN A 110 7.19 14.61 9.44
N TYR A 111 8.10 14.84 8.50
CA TYR A 111 9.55 14.64 8.70
C TYR A 111 10.30 15.93 9.08
N ASP A 112 11.27 15.83 9.96
CA ASP A 112 12.02 16.99 10.42
C ASP A 112 13.04 17.37 9.32
N GLY A 113 12.86 18.55 8.76
CA GLY A 113 13.76 19.08 7.73
C GLY A 113 15.01 19.83 8.21
N LYS A 114 15.25 19.89 9.52
CA LYS A 114 16.41 20.60 10.05
C LYS A 114 17.75 20.02 9.63
N LYS A 115 18.69 20.93 9.37
CA LYS A 115 20.06 20.57 9.04
C LYS A 115 20.96 20.85 10.23
N TRP A 116 21.81 19.89 10.54
CA TRP A 116 22.74 20.00 11.64
C TRP A 116 24.15 19.98 11.10
N THR A 117 25.04 20.67 11.81
CA THR A 117 26.45 20.69 11.43
C THR A 117 27.27 20.13 12.58
N VAL A 118 28.31 19.41 12.21
CA VAL A 118 29.10 18.62 13.15
C VAL A 118 30.59 18.88 12.88
N ASP A 119 31.30 19.37 13.89
CA ASP A 119 32.77 19.45 13.85
C ASP A 119 33.40 18.33 14.66
N VAL A 120 34.24 17.53 14.01
CA VAL A 120 34.98 16.47 14.67
C VAL A 120 36.43 16.93 14.82
N TYR A 121 36.87 17.02 16.07
CA TYR A 121 38.22 17.47 16.42
C TYR A 121 39.17 16.28 16.42
N VAL A 122 40.08 16.25 15.45
CA VAL A 122 40.98 15.09 15.24
C VAL A 122 42.43 15.39 15.67
N GLY A 123 42.93 14.61 16.63
CA GLY A 123 44.31 14.72 17.18
C GLY A 123 45.18 13.51 16.80
N ASN A 124 46.11 13.12 17.67
CA ASN A 124 46.99 11.94 17.45
C ASN A 124 46.60 10.77 18.36
N GLY A 129 49.45 7.60 14.31
CA GLY A 129 48.11 7.75 13.72
C GLY A 129 47.33 8.97 14.18
N PHE A 130 46.09 9.07 13.70
CA PHE A 130 45.15 10.15 14.05
C PHE A 130 43.82 9.60 14.54
N GLU A 131 43.13 10.36 15.38
CA GLU A 131 41.80 9.96 15.87
C GLU A 131 40.95 11.13 16.38
N PRO A 132 39.60 10.98 16.37
CA PRO A 132 38.71 11.97 16.98
C PRO A 132 38.88 12.11 18.48
N LYS A 133 38.76 13.35 18.96
CA LYS A 133 38.89 13.71 20.38
C LYS A 133 37.59 14.29 20.96
N TYR A 134 37.03 15.26 20.25
CA TYR A 134 35.74 15.89 20.55
C TYR A 134 34.85 15.90 19.32
N VAL A 135 33.55 15.83 19.58
CA VAL A 135 32.54 16.02 18.54
C VAL A 135 31.60 17.12 19.02
N VAL A 136 31.47 18.17 18.22
CA VAL A 136 30.62 19.31 18.58
C VAL A 136 29.47 19.40 17.58
N SER A 137 28.24 19.54 18.06
CA SER A 137 27.09 19.67 17.15
C SER A 137 26.31 20.97 17.35
N LYS A 138 25.81 21.51 16.24
CA LYS A 138 24.96 22.70 16.22
C LYS A 138 23.98 22.56 15.07
N GLU A 139 22.87 23.29 15.15
CA GLU A 139 22.02 23.51 13.98
C GLU A 139 22.79 24.40 13.00
N VAL A 140 22.65 24.10 11.71
CA VAL A 140 23.23 24.92 10.66
C VAL A 140 22.71 26.34 10.84
N ASN A 141 23.61 27.32 10.67
CA ASN A 141 23.33 28.76 10.85
C ASN A 141 23.07 29.19 12.30
N SER A 142 23.49 28.38 13.28
CA SER A 142 23.36 28.72 14.70
C SER A 142 24.72 28.57 15.38
N ASP A 143 25.02 29.44 16.35
CA ASP A 143 26.27 29.34 17.13
C ASP A 143 26.05 28.51 18.39
N VAL A 144 24.80 28.12 18.66
CA VAL A 144 24.44 27.43 19.88
C VAL A 144 24.75 25.94 19.79
N LYS A 145 25.67 25.47 20.63
CA LYS A 145 25.97 24.06 20.73
C LYS A 145 24.80 23.36 21.40
N LYS A 146 24.35 22.24 20.81
CA LYS A 146 23.34 21.38 21.42
C LYS A 146 23.32 20.01 20.74
N PRO A 147 22.89 18.97 21.48
CA PRO A 147 22.84 17.65 20.89
C PRO A 147 21.83 17.57 19.74
N ILE A 148 22.10 16.69 18.78
CA ILE A 148 21.23 16.54 17.62
C ILE A 148 19.94 15.82 18.05
N ARG A 149 18.80 16.45 17.83
CA ARG A 149 17.49 15.84 18.11
C ARG A 149 16.56 16.15 16.97
N PHE A 150 16.09 15.12 16.28
CA PHE A 150 15.10 15.28 15.23
C PHE A 150 13.73 15.01 15.83
N GLU A 151 12.74 15.80 15.43
CA GLU A 151 11.39 15.64 15.97
C GLU A 151 10.44 15.38 14.80
N ASN A 152 9.80 14.20 14.79
CA ASN A 152 8.82 13.84 13.75
C ASN A 152 7.43 13.71 14.33
N SER A 153 6.42 13.69 13.47
CA SER A 153 5.05 13.53 13.91
C SER A 153 4.25 12.83 12.84
N PHE A 154 3.02 12.47 13.18
CA PHE A 154 2.14 11.84 12.23
C PHE A 154 0.70 12.17 12.54
N LYS A 155 -0.14 11.99 11.53
CA LYS A 155 -1.54 12.31 11.63
C LYS A 155 -2.35 11.02 11.62
N THR A 156 -3.56 11.15 12.15
CA THR A 156 -4.59 10.15 12.02
C THR A 156 -5.79 10.79 11.31
N THR A 157 -6.73 9.96 10.91
CA THR A 157 -7.93 10.43 10.28
C THR A 157 -9.16 9.81 11.01
N SER A 158 -10.31 9.83 10.35
CA SER A 158 -11.54 9.31 10.93
C SER A 158 -12.47 8.78 9.85
N LEU A 159 -13.32 7.84 10.24
CA LEU A 159 -14.37 7.34 9.38
C LEU A 159 -15.66 7.27 10.19
N LYS A 160 -16.70 7.94 9.70
CA LYS A 160 -18.03 7.82 10.26
C LYS A 160 -18.89 7.06 9.25
N ILE A 161 -19.71 6.15 9.75
CA ILE A 161 -20.61 5.36 8.95
C ILE A 161 -22.01 5.57 9.52
N GLU A 162 -22.92 6.06 8.69
CA GLU A 162 -24.31 6.26 9.09
C GLU A 162 -25.28 5.53 8.20
N LYS A 163 -26.39 5.09 8.79
CA LYS A 163 -27.47 4.43 8.07
C LYS A 163 -28.64 5.41 7.88
N GLN A 164 -29.16 5.49 6.65
CA GLN A 164 -30.42 6.17 6.39
C GLN A 164 -31.38 5.25 5.66
N VAL A 165 -32.65 5.36 6.04
CA VAL A 165 -33.73 4.56 5.45
C VAL A 165 -34.73 5.49 4.76
N THR A 166 -35.12 5.13 3.53
CA THR A 166 -36.10 5.89 2.74
C THR A 166 -37.22 4.98 2.25
N GLY A 167 -38.37 5.59 1.96
CA GLY A 167 -39.52 4.90 1.35
C GLY A 167 -40.56 4.43 2.35
N LYS A 174 -35.79 -1.08 12.23
CA LYS A 174 -35.12 -2.26 11.70
C LYS A 174 -33.60 -2.09 11.75
N ASP A 175 -32.92 -3.14 12.20
CA ASP A 175 -31.46 -3.12 12.30
C ASP A 175 -30.85 -3.73 11.04
N PHE A 176 -29.91 -3.02 10.44
CA PHE A 176 -29.19 -3.51 9.28
C PHE A 176 -27.80 -3.98 9.74
N ASN A 177 -27.33 -5.08 9.14
CA ASN A 177 -26.14 -5.77 9.58
C ASN A 177 -24.97 -5.46 8.68
N PHE A 178 -23.91 -4.92 9.28
CA PHE A 178 -22.73 -4.46 8.57
C PHE A 178 -21.50 -5.26 8.96
N THR A 179 -20.53 -5.27 8.06
CA THR A 179 -19.22 -5.88 8.28
C THR A 179 -18.17 -4.89 7.82
N LEU A 180 -17.22 -4.57 8.70
CA LEU A 180 -16.08 -3.75 8.39
C LEU A 180 -14.83 -4.57 8.60
N ILE A 181 -13.87 -4.40 7.68
CA ILE A 181 -12.55 -4.96 7.85
C ILE A 181 -11.53 -3.86 7.54
N LEU A 182 -10.58 -3.67 8.44
CA LEU A 182 -9.45 -2.80 8.21
C LEU A 182 -8.33 -3.72 7.78
N GLU A 183 -7.82 -3.56 6.56
CA GLU A 183 -6.78 -4.49 6.07
C GLU A 183 -5.45 -4.02 6.62
N ALA A 184 -4.61 -4.96 7.00
CA ALA A 184 -3.25 -4.63 7.40
C ALA A 184 -2.44 -3.99 6.24
N SER A 185 -1.54 -3.08 6.61
CA SER A 185 -0.56 -2.50 5.68
C SER A 185 0.80 -2.77 6.27
N ALA A 186 1.85 -2.36 5.57
CA ALA A 186 3.21 -2.45 6.12
C ALA A 186 3.39 -1.59 7.40
N LEU A 187 2.67 -0.48 7.49
CA LEU A 187 2.76 0.42 8.64
C LEU A 187 1.90 0.02 9.82
N TYR A 188 0.75 -0.59 9.57
CA TYR A 188 -0.20 -0.95 10.63
C TYR A 188 -0.63 -2.39 10.44
N GLU A 189 -0.16 -3.25 11.33
CA GLU A 189 -0.17 -4.67 11.16
C GLU A 189 -1.40 -5.34 11.75
N LYS A 190 -1.66 -6.53 11.24
CA LYS A 190 -2.72 -7.41 11.73
C LYS A 190 -2.63 -7.63 13.22
N GLY A 191 -3.78 -7.63 13.88
CA GLY A 191 -3.79 -7.86 15.30
C GLY A 191 -3.62 -6.61 16.16
N GLN A 192 -3.31 -5.45 15.57
CA GLN A 192 -3.31 -4.20 16.33
C GLN A 192 -4.74 -3.66 16.39
N VAL A 193 -5.01 -2.77 17.34
CA VAL A 193 -6.37 -2.33 17.60
C VAL A 193 -6.55 -0.85 17.24
N VAL A 194 -7.72 -0.55 16.71
CA VAL A 194 -8.15 0.80 16.38
C VAL A 194 -9.47 1.01 17.13
N LYS A 195 -9.62 2.19 17.71
CA LYS A 195 -10.81 2.50 18.50
C LYS A 195 -12.03 2.78 17.61
N ILE A 196 -13.19 2.33 18.07
CA ILE A 196 -14.45 2.62 17.45
C ILE A 196 -15.40 3.10 18.55
N ILE A 197 -16.28 4.05 18.23
CA ILE A 197 -17.33 4.48 19.16
C ILE A 197 -18.64 4.00 18.60
N GLN A 198 -19.32 3.19 19.39
CA GLN A 198 -20.46 2.43 18.94
C GLN A 198 -21.51 2.42 20.05
N ASP A 199 -22.70 2.90 19.74
CA ASP A 199 -23.77 3.15 20.72
C ASP A 199 -23.25 3.83 22.00
N GLY A 200 -22.40 4.85 21.82
CA GLY A 200 -21.80 5.57 22.95
C GLY A 200 -20.53 4.99 23.55
N GLN A 201 -20.26 3.70 23.30
CA GLN A 201 -19.18 3.00 23.98
C GLN A 201 -17.96 2.93 23.10
N THR A 202 -16.79 3.08 23.71
CA THR A 202 -15.52 2.99 23.01
C THR A 202 -15.13 1.50 23.01
N LYS A 203 -14.96 0.94 21.81
CA LYS A 203 -14.58 -0.45 21.63
C LYS A 203 -13.37 -0.59 20.72
N ASP A 204 -12.89 -1.83 20.54
CA ASP A 204 -11.66 -2.12 19.76
C ASP A 204 -11.98 -2.93 18.52
N VAL A 205 -11.56 -2.39 17.37
CA VAL A 205 -11.57 -3.11 16.12
C VAL A 205 -10.16 -3.66 15.91
N VAL A 206 -10.02 -4.96 15.69
CA VAL A 206 -8.72 -5.55 15.44
C VAL A 206 -8.48 -5.52 13.92
N ILE A 207 -7.33 -4.96 13.53
CA ILE A 207 -6.92 -4.91 12.12
C ILE A 207 -6.78 -6.33 11.56
N GLY A 208 -7.33 -6.52 10.39
CA GLY A 208 -7.18 -7.78 9.61
C GLY A 208 -8.21 -8.83 9.85
N GLN A 209 -9.34 -8.47 10.45
CA GLN A 209 -10.46 -9.40 10.63
C GLN A 209 -11.78 -8.66 10.59
N GLU A 210 -12.82 -9.39 10.23
CA GLU A 210 -14.15 -8.83 10.12
C GLU A 210 -14.65 -8.33 11.47
N TYR A 211 -15.23 -7.13 11.47
CA TYR A 211 -15.86 -6.52 12.61
C TYR A 211 -17.33 -6.31 12.26
N LYS A 212 -18.23 -7.00 12.95
CA LYS A 212 -19.66 -6.96 12.64
C LYS A 212 -20.38 -6.04 13.61
N PHE A 213 -21.30 -5.23 13.10
CA PHE A 213 -22.11 -4.33 13.92
C PHE A 213 -23.44 -4.06 13.20
N THR A 214 -24.37 -3.44 13.92
CA THR A 214 -25.67 -3.10 13.35
C THR A 214 -25.93 -1.62 13.46
N LEU A 215 -26.73 -1.11 12.52
CA LEU A 215 -27.26 0.24 12.60
C LEU A 215 -28.73 0.24 12.18
N HIS A 216 -29.53 1.10 12.82
CA HIS A 216 -30.90 1.40 12.32
C HIS A 216 -30.89 2.81 11.76
N ASP A 217 -32.02 3.24 11.21
CA ASP A 217 -32.14 4.58 10.60
C ASP A 217 -31.57 5.65 11.52
N HIS A 218 -30.72 6.49 10.95
CA HIS A 218 -30.06 7.62 11.62
C HIS A 218 -29.02 7.29 12.69
N GLN A 219 -28.69 6.02 12.87
CA GLN A 219 -27.64 5.62 13.80
C GLN A 219 -26.32 5.65 13.06
N SER A 220 -25.25 6.02 13.77
CA SER A 220 -23.90 6.06 13.21
C SER A 220 -22.89 5.37 14.12
N ILE A 221 -21.75 5.04 13.54
CA ILE A 221 -20.59 4.54 14.27
C ILE A 221 -19.42 5.42 13.80
N MET A 222 -18.40 5.63 14.63
N MET A 222 -18.37 5.53 14.61
CA MET A 222 -17.23 6.42 14.20
CA MET A 222 -17.24 6.41 14.28
C MET A 222 -15.92 5.84 14.73
C MET A 222 -15.92 5.84 14.75
N LEU A 223 -14.93 5.81 13.85
CA LEU A 223 -13.57 5.48 14.20
C LEU A 223 -12.87 6.80 14.14
N ALA A 224 -12.50 7.37 15.28
CA ALA A 224 -12.05 8.79 15.34
C ALA A 224 -10.54 8.99 15.23
N LYS A 225 -9.77 7.90 15.42
CA LYS A 225 -8.31 7.95 15.46
C LYS A 225 -7.79 6.83 14.54
N LEU A 226 -8.18 6.91 13.28
CA LEU A 226 -7.94 5.88 12.31
C LEU A 226 -6.58 6.10 11.62
N PRO A 227 -5.76 5.03 11.46
CA PRO A 227 -4.49 5.20 10.78
C PRO A 227 -4.67 5.64 9.32
N ILE A 228 -3.76 6.50 8.88
CA ILE A 228 -3.76 7.01 7.50
C ILE A 228 -3.02 6.02 6.62
N GLY A 229 -3.61 5.72 5.47
CA GLY A 229 -2.98 4.84 4.49
C GLY A 229 -3.39 3.38 4.58
N ILE A 230 -4.27 3.00 5.51
CA ILE A 230 -4.76 1.63 5.50
C ILE A 230 -5.98 1.55 4.59
N SER A 231 -6.32 0.36 4.16
CA SER A 231 -7.48 0.16 3.34
C SER A 231 -8.55 -0.55 4.16
N TYR A 232 -9.81 -0.23 3.87
CA TYR A 232 -10.94 -0.89 4.52
C TYR A 232 -12.01 -1.27 3.51
N LYS A 233 -12.85 -2.23 3.87
CA LYS A 233 -14.04 -2.45 3.11
C LYS A 233 -15.25 -2.63 4.03
N LEU A 234 -16.37 -2.09 3.59
CA LEU A 234 -17.62 -2.12 4.33
C LEU A 234 -18.63 -2.85 3.47
N THR A 235 -19.35 -3.79 4.06
CA THR A 235 -20.48 -4.43 3.40
C THR A 235 -21.69 -4.37 4.30
N GLU A 236 -22.85 -4.57 3.71
CA GLU A 236 -24.11 -4.70 4.46
C GLU A 236 -24.77 -5.96 3.98
N ASP A 237 -25.26 -6.79 4.90
CA ASP A 237 -26.06 -7.94 4.51
C ASP A 237 -27.30 -7.52 3.72
N LYS A 238 -27.68 -8.36 2.76
CA LYS A 238 -28.89 -8.14 1.97
C LYS A 238 -30.07 -8.06 2.92
N ALA A 239 -30.90 -7.04 2.75
CA ALA A 239 -32.10 -6.85 3.56
C ALA A 239 -33.30 -6.92 2.62
N ASP A 240 -34.18 -7.90 2.85
CA ASP A 240 -35.29 -8.15 1.93
C ASP A 240 -36.23 -6.96 1.91
N GLY A 241 -36.63 -6.56 0.70
CA GLY A 241 -37.52 -5.41 0.52
C GLY A 241 -36.80 -4.08 0.49
N TYR A 242 -35.47 -4.11 0.43
CA TYR A 242 -34.67 -2.89 0.36
C TYR A 242 -33.60 -3.04 -0.70
N THR A 243 -33.29 -1.94 -1.37
CA THR A 243 -32.06 -1.87 -2.15
C THR A 243 -31.15 -0.89 -1.40
N THR A 244 -29.85 -1.16 -1.47
CA THR A 244 -28.85 -0.45 -0.69
C THR A 244 -27.83 0.21 -1.59
N THR A 245 -27.53 1.46 -1.31
CA THR A 245 -26.49 2.22 -2.01
C THR A 245 -25.73 3.02 -0.95
N ALA A 246 -24.57 3.54 -1.31
CA ALA A 246 -23.76 4.27 -0.34
C ALA A 246 -22.98 5.37 -1.03
N THR A 247 -22.71 6.45 -0.28
CA THR A 247 -21.89 7.55 -0.74
C THR A 247 -20.74 7.74 0.25
N LEU A 248 -19.60 8.18 -0.29
CA LEU A 248 -18.44 8.51 0.52
C LEU A 248 -18.18 9.99 0.34
N LYS A 249 -18.16 10.70 1.46
CA LYS A 249 -17.86 12.13 1.52
C LYS A 249 -16.47 12.26 2.14
N GLU A 250 -15.52 12.85 1.41
CA GLU A 250 -14.14 13.05 1.88
C GLU A 250 -13.91 14.52 2.20
N GLY A 251 -13.85 14.85 3.49
CA GLY A 251 -13.73 16.23 3.94
C GLY A 251 -14.91 17.08 3.48
N GLU A 252 -14.62 18.16 2.75
CA GLU A 252 -15.64 19.01 2.11
C GLU A 252 -15.77 18.81 0.58
N ILE A 253 -14.86 18.04 -0.04
CA ILE A 253 -15.00 17.63 -1.46
C ILE A 253 -16.24 16.77 -1.68
N ASP A 254 -16.83 16.88 -2.88
CA ASP A 254 -18.18 16.35 -3.17
C ASP A 254 -18.28 14.83 -2.94
N ALA A 255 -19.38 14.42 -2.33
CA ALA A 255 -19.67 13.00 -2.13
C ALA A 255 -19.67 12.25 -3.48
N LYS A 256 -19.03 11.09 -3.52
CA LYS A 256 -19.11 10.18 -4.67
C LYS A 256 -19.67 8.85 -4.20
N GLU A 257 -20.01 7.98 -5.14
CA GLU A 257 -20.53 6.66 -4.82
C GLU A 257 -19.45 5.80 -4.16
N TYR A 258 -19.84 5.09 -3.10
CA TYR A 258 -19.03 4.02 -2.55
C TYR A 258 -19.80 2.73 -2.82
N VAL A 259 -19.15 1.80 -3.52
CA VAL A 259 -19.71 0.48 -3.78
C VAL A 259 -19.33 -0.44 -2.63
N LEU A 260 -20.33 -0.93 -1.92
CA LEU A 260 -20.12 -1.75 -0.74
C LEU A 260 -19.39 -3.01 -1.16
N GLY A 261 -18.37 -3.40 -0.38
CA GLY A 261 -17.47 -4.51 -0.74
C GLY A 261 -16.15 -4.10 -1.39
N ASN A 262 -16.03 -2.85 -1.81
CA ASN A 262 -14.80 -2.33 -2.44
C ASN A 262 -13.82 -1.82 -1.40
N LEU A 263 -12.52 -2.00 -1.67
CA LEU A 263 -11.47 -1.42 -0.83
C LEU A 263 -11.42 0.07 -0.99
N GLN A 264 -11.32 0.78 0.13
CA GLN A 264 -11.13 2.22 0.13
C GLN A 264 -9.90 2.51 0.99
N LYS A 265 -9.00 3.36 0.52
CA LYS A 265 -7.79 3.71 1.27
C LYS A 265 -8.04 4.96 2.11
N THR A 266 -7.59 4.97 3.36
CA THR A 266 -7.72 6.15 4.21
C THR A 266 -6.62 7.14 3.84
N ASP A 267 -6.93 8.42 3.94
CA ASP A 267 -5.95 9.50 3.72
C ASP A 267 -6.23 10.62 4.71
N GLU A 268 -5.79 11.84 4.43
CA GLU A 268 -5.79 12.88 5.46
C GLU A 268 -7.17 13.50 5.69
N SER A 269 -8.08 13.40 4.74
CA SER A 269 -9.41 13.97 4.94
C SER A 269 -10.33 13.04 5.75
N ALA A 270 -11.14 13.61 6.63
CA ALA A 270 -12.17 12.85 7.38
C ALA A 270 -13.26 12.30 6.46
N ASP A 271 -13.49 10.98 6.50
CA ASP A 271 -14.46 10.28 5.62
C ASP A 271 -15.81 10.16 6.36
N GLU A 272 -16.91 10.33 5.62
CA GLU A 272 -18.21 9.87 6.07
C GLU A 272 -18.90 9.07 4.98
N ILE A 273 -19.30 7.86 5.33
CA ILE A 273 -20.07 7.00 4.47
C ILE A 273 -21.51 7.01 4.95
N VAL A 274 -22.44 7.29 4.04
CA VAL A 274 -23.87 7.23 4.33
C VAL A 274 -24.39 6.09 3.50
N VAL A 275 -24.91 5.06 4.17
CA VAL A 275 -25.48 3.91 3.50
C VAL A 275 -26.99 4.07 3.53
N THR A 276 -27.61 4.10 2.36
CA THR A 276 -29.05 4.35 2.22
C THR A 276 -29.74 3.06 1.85
N ASN A 277 -30.66 2.63 2.71
CA ASN A 277 -31.52 1.48 2.46
C ASN A 277 -32.90 1.98 2.03
N LYS A 278 -33.26 1.76 0.77
CA LYS A 278 -34.48 2.28 0.18
C LYS A 278 -35.49 1.16 0.07
N ARG A 279 -36.67 1.37 0.67
CA ARG A 279 -37.76 0.39 0.63
C ARG A 279 -38.20 0.19 -0.82
N ASP A 280 -38.32 -1.07 -1.23
CA ASP A 280 -38.70 -1.39 -2.59
C ASP A 280 -40.18 -1.18 -2.78
N THR B 2 -30.23 -23.08 -25.10
CA THR B 2 -29.45 -22.13 -25.96
C THR B 2 -28.48 -21.34 -25.08
N ALA B 3 -27.24 -21.22 -25.55
CA ALA B 3 -26.21 -20.41 -24.90
C ALA B 3 -26.69 -18.96 -24.80
N GLY B 4 -26.47 -18.34 -23.65
CA GLY B 4 -26.83 -16.95 -23.42
C GLY B 4 -28.30 -16.67 -23.13
N VAL B 5 -29.09 -17.72 -22.91
CA VAL B 5 -30.52 -17.61 -22.61
C VAL B 5 -30.80 -18.36 -21.30
N VAL B 6 -31.20 -17.62 -20.28
CA VAL B 6 -31.51 -18.18 -18.98
C VAL B 6 -33.03 -18.16 -18.79
N THR B 7 -33.62 -19.34 -18.63
CA THR B 7 -35.01 -19.44 -18.19
C THR B 7 -34.99 -19.17 -16.69
N GLY B 8 -35.60 -18.08 -16.31
CA GLY B 8 -35.62 -17.69 -14.93
C GLY B 8 -35.54 -16.22 -14.70
N LYS B 9 -35.05 -15.85 -13.55
CA LYS B 9 -35.00 -14.46 -13.16
C LYS B 9 -33.64 -13.86 -12.83
N THR B 10 -32.57 -14.61 -13.05
CA THR B 10 -31.26 -14.10 -12.76
C THR B 10 -30.32 -14.12 -13.93
N LEU B 11 -29.38 -13.22 -13.88
CA LEU B 11 -28.36 -13.10 -14.92
C LEU B 11 -27.02 -13.53 -14.30
N PRO B 12 -26.50 -14.69 -14.71
CA PRO B 12 -25.18 -15.05 -14.19
C PRO B 12 -24.06 -14.20 -14.80
N ILE B 13 -23.03 -13.92 -14.01
CA ILE B 13 -21.83 -13.23 -14.45
C ILE B 13 -20.65 -14.16 -14.13
N THR B 14 -19.80 -14.41 -15.11
CA THR B 14 -18.55 -15.10 -14.89
C THR B 14 -17.38 -14.15 -15.03
N LYS B 15 -16.43 -14.26 -14.10
CA LYS B 15 -15.17 -13.57 -14.18
C LYS B 15 -14.06 -14.60 -14.29
N SER B 16 -13.18 -14.38 -15.25
CA SER B 16 -11.99 -15.18 -15.47
C SER B 16 -10.78 -14.30 -15.36
N MET B 17 -9.84 -14.69 -14.52
CA MET B 17 -8.53 -14.09 -14.50
C MET B 17 -7.62 -15.01 -15.27
N ILE B 18 -6.90 -14.45 -16.23
CA ILE B 18 -5.87 -15.20 -16.94
C ILE B 18 -4.80 -15.57 -15.92
N TYR B 19 -4.60 -16.86 -15.72
CA TYR B 19 -3.63 -17.35 -14.72
C TYR B 19 -3.15 -18.73 -15.13
N THR B 20 -1.86 -18.83 -15.42
CA THR B 20 -1.29 -20.05 -15.99
C THR B 20 -0.05 -20.57 -15.27
N ASP B 21 0.37 -19.91 -14.19
CA ASP B 21 1.60 -20.29 -13.50
C ASP B 21 1.44 -20.14 -11.98
N ASN B 22 1.39 -21.27 -11.28
CA ASN B 22 1.22 -21.30 -9.81
C ASN B 22 2.30 -20.62 -8.99
N GLU B 23 3.46 -20.33 -9.59
CA GLU B 23 4.48 -19.55 -8.92
C GLU B 23 4.16 -18.05 -8.82
N ILE B 24 3.23 -17.59 -9.65
CA ILE B 24 2.80 -16.19 -9.63
C ILE B 24 1.78 -15.95 -8.49
N LEU B 25 1.90 -14.82 -7.82
CA LEU B 25 0.92 -14.43 -6.78
C LEU B 25 -0.28 -13.74 -7.41
N MET B 26 -1.44 -14.36 -7.31
CA MET B 26 -2.70 -13.74 -7.68
C MET B 26 -2.91 -12.48 -6.82
N PRO B 27 -3.29 -11.35 -7.44
CA PRO B 27 -3.55 -10.16 -6.63
C PRO B 27 -4.77 -10.32 -5.73
N LYS B 28 -4.72 -9.70 -4.57
CA LYS B 28 -5.87 -9.66 -3.68
C LYS B 28 -6.68 -8.45 -4.03
N THR B 29 -7.81 -8.67 -4.69
CA THR B 29 -8.56 -7.57 -5.23
C THR B 29 -9.98 -8.02 -5.55
N THR B 30 -10.85 -7.05 -5.80
CA THR B 30 -12.23 -7.33 -6.19
C THR B 30 -12.47 -6.80 -7.58
N PHE B 31 -13.42 -7.42 -8.26
CA PHE B 31 -13.91 -6.87 -9.52
C PHE B 31 -15.38 -6.59 -9.31
N THR B 32 -15.82 -5.43 -9.83
CA THR B 32 -17.18 -4.95 -9.63
C THR B 32 -17.85 -4.85 -10.99
N PHE B 33 -19.05 -5.40 -11.07
CA PHE B 33 -19.89 -5.31 -12.26
C PHE B 33 -21.07 -4.39 -11.99
N THR B 34 -21.39 -3.54 -12.96
CA THR B 34 -22.49 -2.58 -12.89
C THR B 34 -23.52 -2.92 -13.94
N ILE B 35 -24.79 -2.81 -13.57
CA ILE B 35 -25.92 -2.88 -14.50
C ILE B 35 -26.70 -1.56 -14.42
N GLU B 36 -27.01 -1.01 -15.57
CA GLU B 36 -27.78 0.20 -15.65
C GLU B 36 -28.76 0.06 -16.81
N PRO B 37 -29.87 0.82 -16.77
CA PRO B 37 -30.80 0.79 -17.92
C PRO B 37 -30.15 1.31 -19.18
N ASP B 38 -30.49 0.67 -20.30
CA ASP B 38 -30.12 1.20 -21.60
C ASP B 38 -31.16 2.31 -21.86
N THR B 39 -30.73 3.56 -21.63
CA THR B 39 -31.64 4.71 -21.64
C THR B 39 -32.26 4.98 -23.00
N THR B 40 -31.60 4.56 -24.09
CA THR B 40 -32.07 4.81 -25.46
C THR B 40 -32.83 3.64 -26.11
N ALA B 41 -33.18 2.61 -25.35
CA ALA B 41 -33.89 1.45 -25.89
C ALA B 41 -35.37 1.74 -26.24
N SER B 42 -35.76 1.43 -27.47
CA SER B 42 -37.16 1.55 -27.94
C SER B 42 -37.35 0.66 -29.18
N GLY B 43 -38.57 0.59 -29.69
CA GLY B 43 -38.89 -0.29 -30.83
C GLY B 43 -39.75 -1.47 -30.41
N LYS B 44 -40.05 -2.35 -31.36
CA LYS B 44 -40.99 -3.45 -31.15
C LYS B 44 -40.69 -4.65 -32.04
N LEU B 49 -43.13 -7.68 -28.55
CA LEU B 49 -43.49 -6.72 -27.51
C LEU B 49 -42.60 -5.47 -27.58
N GLU B 50 -42.95 -4.46 -26.77
CA GLU B 50 -42.18 -3.23 -26.65
C GLU B 50 -40.81 -3.51 -25.99
N ILE B 51 -39.75 -3.02 -26.63
CA ILE B 51 -38.44 -2.94 -26.04
C ILE B 51 -38.45 -1.66 -25.21
N LYS B 52 -38.15 -1.77 -23.91
CA LYS B 52 -38.14 -0.62 -23.01
C LYS B 52 -36.81 -0.51 -22.27
N SER B 53 -36.50 0.71 -21.82
CA SER B 53 -35.39 0.95 -20.90
C SER B 53 -35.58 0.10 -19.64
N GLY B 54 -34.50 -0.53 -19.19
CA GLY B 54 -34.54 -1.37 -18.02
C GLY B 54 -35.06 -0.61 -16.82
N GLU B 55 -35.83 -1.28 -15.98
CA GLU B 55 -36.38 -0.69 -14.76
C GLU B 55 -35.60 -1.15 -13.54
N THR B 56 -35.40 -0.22 -12.60
CA THR B 56 -34.47 -0.38 -11.47
C THR B 56 -35.11 -0.49 -10.07
N THR B 57 -36.42 -0.29 -9.95
CA THR B 57 -37.10 -0.41 -8.65
C THR B 57 -36.91 -1.79 -8.05
N GLY B 58 -36.20 -1.85 -6.92
CA GLY B 58 -35.83 -3.12 -6.32
C GLY B 58 -34.69 -3.84 -7.02
N LEU B 59 -33.94 -3.15 -7.88
CA LEU B 59 -32.78 -3.77 -8.54
C LEU B 59 -31.49 -3.44 -7.77
N THR B 60 -30.81 -4.48 -7.30
CA THR B 60 -29.43 -4.29 -6.87
C THR B 60 -28.56 -4.17 -8.13
N THR B 61 -27.86 -3.03 -8.27
CA THR B 61 -27.20 -2.67 -9.50
C THR B 61 -25.69 -3.00 -9.53
N LYS B 62 -25.20 -3.69 -8.49
CA LYS B 62 -23.79 -4.06 -8.35
C LYS B 62 -23.66 -5.52 -7.96
N ALA B 63 -22.68 -6.18 -8.57
CA ALA B 63 -22.25 -7.51 -8.15
C ALA B 63 -20.71 -7.48 -8.07
N ILE B 64 -20.16 -8.22 -7.11
N ILE B 64 -20.17 -8.20 -7.09
CA ILE B 64 -18.71 -8.18 -6.84
CA ILE B 64 -18.73 -8.20 -6.83
C ILE B 64 -18.20 -9.61 -6.69
C ILE B 64 -18.21 -9.63 -6.72
N VAL B 65 -17.00 -9.84 -7.22
CA VAL B 65 -16.24 -11.07 -6.95
C VAL B 65 -14.91 -10.64 -6.38
N SER B 66 -14.26 -11.55 -5.68
CA SER B 66 -13.03 -11.24 -4.94
C SER B 66 -11.99 -12.31 -5.20
N TYR B 67 -10.77 -11.87 -5.42
CA TYR B 67 -9.63 -12.74 -5.50
C TYR B 67 -8.73 -12.52 -4.30
N ASP B 68 -8.05 -13.55 -3.86
CA ASP B 68 -6.95 -13.34 -2.92
C ASP B 68 -5.70 -14.12 -3.28
N ASN B 69 -4.66 -13.87 -2.50
CA ASN B 69 -3.30 -14.35 -2.82
C ASN B 69 -3.21 -15.88 -2.88
N THR B 70 -4.13 -16.58 -2.23
CA THR B 70 -4.11 -18.01 -2.22
C THR B 70 -4.75 -18.62 -3.46
N ASP B 71 -5.42 -17.81 -4.29
CA ASP B 71 -6.10 -18.34 -5.47
C ASP B 71 -5.07 -18.73 -6.53
N LYS B 72 -5.16 -19.97 -7.00
CA LYS B 72 -4.30 -20.48 -8.06
C LYS B 72 -5.21 -20.95 -9.21
N GLU B 73 -4.74 -21.94 -9.97
CA GLU B 73 -5.45 -22.53 -11.11
C GLU B 73 -6.89 -22.94 -10.82
N SER B 74 -7.11 -23.64 -9.73
CA SER B 74 -8.45 -24.08 -9.36
C SER B 74 -9.41 -22.98 -8.95
N ALA B 75 -8.93 -21.75 -8.75
CA ALA B 75 -9.77 -20.67 -8.29
C ALA B 75 -9.67 -19.39 -9.14
N LYS B 76 -9.26 -19.53 -10.40
CA LYS B 76 -9.08 -18.35 -11.25
C LYS B 76 -10.39 -17.80 -11.83
N ASN B 77 -11.44 -18.61 -11.81
CA ASN B 77 -12.77 -18.19 -12.25
C ASN B 77 -13.68 -17.96 -11.08
N LYS B 78 -14.46 -16.89 -11.12
CA LYS B 78 -15.45 -16.59 -10.11
C LYS B 78 -16.79 -16.42 -10.80
N THR B 79 -17.85 -16.52 -10.01
CA THR B 79 -19.20 -16.28 -10.51
C THR B 79 -19.94 -15.38 -9.53
N SER B 80 -20.80 -14.55 -10.09
CA SER B 80 -21.74 -13.75 -9.30
C SER B 80 -23.01 -13.66 -10.15
N ASN B 81 -23.91 -12.76 -9.81
CA ASN B 81 -25.13 -12.59 -10.61
C ASN B 81 -25.84 -11.29 -10.33
N PHE B 82 -26.81 -11.00 -11.17
CA PHE B 82 -27.79 -9.97 -10.92
C PHE B 82 -29.13 -10.67 -10.79
N ASN B 83 -29.98 -10.13 -9.92
CA ASN B 83 -31.26 -10.75 -9.60
C ASN B 83 -32.40 -9.82 -10.00
N PHE B 84 -33.19 -10.25 -10.96
CA PHE B 84 -34.31 -9.47 -11.41
C PHE B 84 -35.63 -9.88 -10.71
N GLU B 85 -35.57 -10.86 -9.82
CA GLU B 85 -36.76 -11.31 -9.12
C GLU B 85 -37.32 -10.30 -8.11
N THR B 86 -36.49 -9.40 -7.65
CA THR B 86 -36.86 -8.43 -6.69
C THR B 86 -37.34 -7.16 -7.31
N VAL B 87 -37.35 -7.09 -8.62
CA VAL B 87 -37.73 -5.87 -9.33
C VAL B 87 -39.25 -5.81 -9.52
N THR B 88 -39.80 -4.61 -9.39
CA THR B 88 -41.21 -4.30 -9.73
C THR B 88 -41.25 -3.68 -11.11
N PHE B 89 -41.67 -4.47 -12.10
CA PHE B 89 -41.87 -3.97 -13.46
C PHE B 89 -43.30 -3.42 -13.64
N SER B 90 -43.41 -2.35 -14.43
CA SER B 90 -44.70 -1.66 -14.69
C SER B 90 -45.64 -2.46 -15.59
N GLY B 91 -45.12 -2.96 -16.70
CA GLY B 91 -45.89 -3.79 -17.62
C GLY B 91 -45.08 -4.97 -18.12
N ILE B 92 -45.76 -5.86 -18.86
CA ILE B 92 -45.07 -6.91 -19.61
C ILE B 92 -44.26 -6.25 -20.71
N GLY B 93 -43.21 -6.94 -21.18
CA GLY B 93 -42.30 -6.38 -22.18
C GLY B 93 -40.87 -6.88 -22.09
N ILE B 94 -40.02 -6.34 -22.96
CA ILE B 94 -38.58 -6.66 -22.99
C ILE B 94 -37.82 -5.48 -22.40
N TYR B 95 -37.20 -5.70 -21.23
CA TYR B 95 -36.49 -4.63 -20.50
C TYR B 95 -34.97 -4.77 -20.71
N ARG B 96 -34.35 -3.69 -21.18
CA ARG B 96 -32.97 -3.71 -21.70
C ARG B 96 -32.00 -2.94 -20.81
N TYR B 97 -30.87 -3.58 -20.51
CA TYR B 97 -29.86 -3.05 -19.61
C TYR B 97 -28.48 -3.21 -20.24
N THR B 98 -27.52 -2.45 -19.71
CA THR B 98 -26.13 -2.56 -20.10
C THR B 98 -25.33 -2.98 -18.87
N VAL B 99 -24.44 -3.95 -19.08
CA VAL B 99 -23.59 -4.51 -18.00
C VAL B 99 -22.15 -4.30 -18.41
N SER B 100 -21.36 -3.81 -17.45
CA SER B 100 -19.95 -3.55 -17.68
C SER B 100 -19.17 -3.83 -16.41
N GLU B 101 -17.85 -3.78 -16.52
CA GLU B 101 -16.96 -4.00 -15.37
C GLU B 101 -16.29 -2.68 -15.07
N GLN B 102 -16.33 -2.27 -13.81
CA GLN B 102 -15.54 -1.14 -13.32
C GLN B 102 -14.03 -1.32 -13.55
N ASN B 103 -13.37 -0.30 -14.08
CA ASN B 103 -11.92 -0.25 -14.13
C ASN B 103 -11.45 0.45 -12.86
N ASP B 104 -10.94 -0.33 -11.91
CA ASP B 104 -10.47 0.23 -10.63
C ASP B 104 -9.07 0.82 -10.67
N GLY B 105 -8.36 0.64 -11.78
CA GLY B 105 -7.06 1.27 -11.96
C GLY B 105 -5.95 0.76 -11.07
N ILE B 106 -6.06 -0.46 -10.56
CA ILE B 106 -5.02 -1.00 -9.67
C ILE B 106 -3.79 -1.38 -10.51
N GLU B 107 -2.61 -1.10 -9.96
CA GLU B 107 -1.34 -1.24 -10.69
C GLU B 107 -1.14 -2.69 -11.11
N GLY B 108 -0.77 -2.89 -12.37
CA GLY B 108 -0.52 -4.22 -12.91
C GLY B 108 -1.74 -4.94 -13.47
N ILE B 109 -2.95 -4.45 -13.19
CA ILE B 109 -4.14 -5.17 -13.61
C ILE B 109 -4.70 -4.60 -14.92
N GLN B 110 -5.05 -5.50 -15.84
CA GLN B 110 -5.71 -5.13 -17.11
C GLN B 110 -7.17 -5.52 -16.98
N TYR B 111 -8.05 -4.51 -17.07
CA TYR B 111 -9.49 -4.67 -16.89
C TYR B 111 -10.21 -4.85 -18.23
N ASP B 112 -11.22 -5.72 -18.26
CA ASP B 112 -12.01 -5.97 -19.45
C ASP B 112 -12.99 -4.82 -19.62
N GLY B 113 -12.87 -4.11 -20.73
CA GLY B 113 -13.73 -2.97 -21.06
C GLY B 113 -14.96 -3.30 -21.87
N LYS B 114 -15.25 -4.59 -22.06
CA LYS B 114 -16.35 -5.03 -22.90
C LYS B 114 -17.71 -4.63 -22.32
N LYS B 115 -18.63 -4.23 -23.19
CA LYS B 115 -19.97 -3.86 -22.80
C LYS B 115 -20.91 -4.96 -23.23
N TRP B 116 -21.83 -5.31 -22.35
CA TRP B 116 -22.78 -6.37 -22.61
C TRP B 116 -24.18 -5.79 -22.51
N THR B 117 -25.10 -6.36 -23.28
CA THR B 117 -26.49 -5.90 -23.31
C THR B 117 -27.37 -7.03 -22.86
N VAL B 118 -28.38 -6.72 -22.07
CA VAL B 118 -29.22 -7.75 -21.48
C VAL B 118 -30.69 -7.43 -21.69
N ASP B 119 -31.42 -8.38 -22.26
CA ASP B 119 -32.88 -8.30 -22.43
C ASP B 119 -33.57 -9.26 -21.47
N VAL B 120 -34.35 -8.70 -20.55
CA VAL B 120 -35.15 -9.45 -19.59
C VAL B 120 -36.62 -9.48 -20.09
N TYR B 121 -37.13 -10.68 -20.35
CA TYR B 121 -38.49 -10.91 -20.88
C TYR B 121 -39.44 -11.02 -19.70
N VAL B 122 -40.31 -10.02 -19.53
CA VAL B 122 -41.20 -9.94 -18.36
C VAL B 122 -42.64 -10.33 -18.73
N GLY B 123 -43.12 -11.44 -18.13
CA GLY B 123 -44.52 -11.90 -18.29
C GLY B 123 -45.37 -11.57 -17.08
N ASN B 124 -46.54 -12.22 -16.98
CA ASN B 124 -47.41 -12.06 -15.82
C ASN B 124 -47.05 -13.16 -14.85
N LYS B 125 -47.13 -12.85 -13.57
CA LYS B 125 -46.77 -13.81 -12.55
C LYS B 125 -47.81 -14.90 -12.35
N PHE B 130 -46.31 -9.17 -12.36
CA PHE B 130 -45.34 -9.25 -13.43
C PHE B 130 -44.01 -9.82 -12.94
N GLU B 131 -43.46 -10.76 -13.70
CA GLU B 131 -42.18 -11.38 -13.34
C GLU B 131 -41.32 -11.71 -14.57
N PRO B 132 -39.97 -11.75 -14.39
CA PRO B 132 -39.10 -12.21 -15.48
C PRO B 132 -39.30 -13.69 -15.83
N LYS B 133 -39.27 -13.99 -17.13
CA LYS B 133 -39.37 -15.35 -17.63
C LYS B 133 -38.04 -15.81 -18.25
N TYR B 134 -37.46 -14.98 -19.10
CA TYR B 134 -36.19 -15.26 -19.78
C TYR B 134 -35.26 -14.08 -19.61
N VAL B 135 -33.95 -14.36 -19.60
CA VAL B 135 -32.92 -13.33 -19.58
C VAL B 135 -31.94 -13.69 -20.68
N VAL B 136 -31.71 -12.74 -21.58
CA VAL B 136 -30.90 -12.98 -22.76
C VAL B 136 -29.73 -11.99 -22.77
N SER B 137 -28.51 -12.51 -22.94
CA SER B 137 -27.30 -11.68 -22.93
C SER B 137 -26.52 -11.81 -24.23
N LYS B 138 -25.95 -10.69 -24.66
CA LYS B 138 -25.09 -10.59 -25.83
C LYS B 138 -24.10 -9.46 -25.62
N GLU B 139 -22.99 -9.51 -26.34
CA GLU B 139 -22.10 -8.36 -26.40
C GLU B 139 -22.79 -7.24 -27.17
N VAL B 140 -22.55 -6.00 -26.75
CA VAL B 140 -23.10 -4.85 -27.44
C VAL B 140 -22.55 -4.88 -28.86
N ASN B 141 -23.44 -4.59 -29.83
CA ASN B 141 -23.14 -4.65 -31.25
C ASN B 141 -22.92 -6.05 -31.84
N SER B 142 -23.36 -7.10 -31.15
CA SER B 142 -23.32 -8.46 -31.66
C SER B 142 -24.72 -9.06 -31.62
N ASP B 143 -25.01 -9.98 -32.53
CA ASP B 143 -26.27 -10.74 -32.54
C ASP B 143 -26.13 -12.12 -31.87
N VAL B 144 -24.93 -12.48 -31.42
CA VAL B 144 -24.69 -13.82 -30.89
C VAL B 144 -25.07 -13.88 -29.41
N LYS B 145 -26.05 -14.73 -29.07
CA LYS B 145 -26.43 -14.94 -27.69
C LYS B 145 -25.32 -15.71 -27.00
N LYS B 146 -24.95 -15.26 -25.80
CA LYS B 146 -23.72 -15.67 -25.16
C LYS B 146 -23.79 -15.33 -23.66
N PRO B 147 -23.32 -16.23 -22.77
CA PRO B 147 -23.29 -15.83 -21.35
C PRO B 147 -22.27 -14.72 -21.10
N ILE B 148 -22.53 -13.87 -20.12
CA ILE B 148 -21.64 -12.76 -19.82
C ILE B 148 -20.40 -13.32 -19.10
N ARG B 149 -19.24 -13.11 -19.72
CA ARG B 149 -17.95 -13.49 -19.14
C ARG B 149 -16.98 -12.34 -19.30
N PHE B 150 -16.49 -11.81 -18.19
CA PHE B 150 -15.41 -10.86 -18.22
C PHE B 150 -14.06 -11.56 -18.01
N GLU B 151 -13.07 -11.14 -18.77
CA GLU B 151 -11.73 -11.68 -18.73
C GLU B 151 -10.74 -10.59 -18.35
N ASN B 152 -10.11 -10.76 -17.20
CA ASN B 152 -9.07 -9.84 -16.75
C ASN B 152 -7.72 -10.51 -16.70
N SER B 153 -6.67 -9.72 -16.59
CA SER B 153 -5.35 -10.29 -16.49
C SER B 153 -4.46 -9.37 -15.69
N PHE B 154 -3.25 -9.82 -15.40
CA PHE B 154 -2.31 -8.98 -14.68
C PHE B 154 -0.88 -9.28 -15.08
N LYS B 155 0.00 -8.32 -14.85
CA LYS B 155 1.41 -8.47 -15.19
C LYS B 155 2.26 -8.70 -13.95
N THR B 156 3.42 -9.29 -14.16
CA THR B 156 4.46 -9.32 -13.13
C THR B 156 5.70 -8.65 -13.69
N THR B 157 6.69 -8.45 -12.84
CA THR B 157 7.96 -7.86 -13.26
C THR B 157 9.13 -8.67 -12.68
N SER B 158 10.32 -8.06 -12.60
CA SER B 158 11.48 -8.75 -12.11
C SER B 158 12.50 -7.78 -11.51
N LEU B 159 13.36 -8.30 -10.64
CA LEU B 159 14.43 -7.51 -10.04
C LEU B 159 15.67 -8.37 -9.98
N LYS B 160 16.71 -7.91 -10.63
CA LYS B 160 18.03 -8.50 -10.58
C LYS B 160 18.94 -7.60 -9.76
N ILE B 161 19.70 -8.20 -8.85
CA ILE B 161 20.67 -7.47 -8.04
C ILE B 161 22.05 -8.09 -8.28
N GLU B 162 23.01 -7.26 -8.66
CA GLU B 162 24.36 -7.71 -9.06
C GLU B 162 25.41 -6.95 -8.28
N LYS B 163 26.47 -7.64 -7.88
CA LYS B 163 27.61 -7.02 -7.19
C LYS B 163 28.81 -6.87 -8.15
N GLN B 164 29.41 -5.69 -8.17
CA GLN B 164 30.69 -5.42 -8.82
C GLN B 164 31.69 -4.90 -7.80
N VAL B 165 32.94 -5.38 -7.87
CA VAL B 165 34.04 -4.89 -7.04
C VAL B 165 35.08 -4.22 -7.95
N THR B 166 35.52 -3.01 -7.59
CA THR B 166 36.58 -2.30 -8.30
C THR B 166 37.80 -2.06 -7.38
N GLY B 167 39.00 -2.22 -7.93
CA GLY B 167 40.28 -2.08 -7.19
C GLY B 167 40.79 -3.33 -6.45
N ASN B 168 40.28 -4.51 -6.82
CA ASN B 168 40.67 -5.79 -6.20
C ASN B 168 40.35 -5.87 -4.70
N GLN B 173 37.03 -12.29 -3.98
CA GLN B 173 37.42 -12.68 -2.63
C GLN B 173 36.26 -12.45 -1.61
N LYS B 174 35.95 -11.20 -1.33
CA LYS B 174 35.03 -10.83 -0.26
C LYS B 174 33.56 -11.13 -0.62
N ASP B 175 32.84 -11.73 0.32
CA ASP B 175 31.39 -11.86 0.22
C ASP B 175 30.75 -10.70 0.95
N PHE B 176 29.94 -9.91 0.26
CA PHE B 176 29.26 -8.75 0.86
C PHE B 176 27.89 -9.19 1.36
N ASN B 177 27.45 -8.63 2.49
CA ASN B 177 26.19 -9.06 3.14
C ASN B 177 25.04 -8.10 2.85
N PHE B 178 23.95 -8.64 2.30
CA PHE B 178 22.78 -7.87 1.93
C PHE B 178 21.53 -8.30 2.72
N THR B 179 20.60 -7.37 2.85
CA THR B 179 19.28 -7.64 3.36
C THR B 179 18.24 -7.06 2.40
N LEU B 180 17.29 -7.89 1.98
CA LEU B 180 16.20 -7.47 1.12
C LEU B 180 14.89 -7.63 1.90
N ILE B 181 13.97 -6.69 1.76
CA ILE B 181 12.62 -6.90 2.25
C ILE B 181 11.59 -6.43 1.22
N LEU B 182 10.61 -7.26 0.99
CA LEU B 182 9.46 -6.89 0.19
C LEU B 182 8.39 -6.51 1.19
N GLU B 183 7.90 -5.28 1.14
N GLU B 183 7.90 -5.28 1.15
CA GLU B 183 6.93 -4.79 2.10
CA GLU B 183 6.95 -4.83 2.15
C GLU B 183 5.53 -5.31 1.77
C GLU B 183 5.53 -5.28 1.79
N ALA B 184 4.80 -5.69 2.82
CA ALA B 184 3.42 -6.15 2.68
C ALA B 184 2.49 -5.02 2.29
N SER B 185 1.35 -5.42 1.74
CA SER B 185 0.31 -4.46 1.32
C SER B 185 -1.01 -5.23 1.19
N ALA B 186 -2.12 -4.51 1.07
CA ALA B 186 -3.44 -5.15 0.92
C ALA B 186 -3.58 -5.96 -0.41
N LEU B 187 -2.85 -5.58 -1.46
CA LEU B 187 -2.75 -6.38 -2.71
C LEU B 187 -1.96 -7.70 -2.58
N TYR B 188 -0.82 -7.63 -1.91
CA TYR B 188 0.09 -8.78 -1.76
C TYR B 188 0.50 -8.83 -0.31
N GLU B 189 -0.09 -9.75 0.43
CA GLU B 189 -0.04 -9.74 1.88
C GLU B 189 1.20 -10.36 2.47
N LYS B 190 1.50 -9.92 3.68
CA LYS B 190 2.57 -10.47 4.50
C LYS B 190 2.38 -11.96 4.61
N GLY B 191 3.47 -12.72 4.49
CA GLY B 191 3.39 -14.17 4.59
C GLY B 191 3.33 -14.88 3.24
N GLN B 192 2.95 -14.19 2.17
CA GLN B 192 2.92 -14.81 0.85
C GLN B 192 4.34 -14.90 0.31
N VAL B 193 4.57 -15.87 -0.57
CA VAL B 193 5.93 -16.08 -1.12
C VAL B 193 6.11 -15.58 -2.56
N VAL B 194 7.34 -15.16 -2.86
CA VAL B 194 7.75 -14.70 -4.17
C VAL B 194 9.04 -15.43 -4.52
N LYS B 195 9.12 -15.88 -5.77
CA LYS B 195 10.21 -16.70 -6.22
C LYS B 195 11.50 -15.87 -6.31
N ILE B 196 12.59 -16.44 -5.82
CA ILE B 196 13.92 -15.85 -6.00
C ILE B 196 14.86 -16.93 -6.53
N ILE B 197 15.79 -16.54 -7.41
CA ILE B 197 16.80 -17.47 -7.95
C ILE B 197 18.14 -17.03 -7.38
N GLN B 198 18.74 -17.90 -6.58
CA GLN B 198 19.95 -17.58 -5.81
C GLN B 198 20.92 -18.74 -5.95
N ASP B 199 22.17 -18.43 -6.32
CA ASP B 199 23.17 -19.48 -6.61
C ASP B 199 22.63 -20.50 -7.62
N GLY B 200 21.81 -20.05 -8.57
CA GLY B 200 21.18 -20.93 -9.54
C GLY B 200 19.95 -21.67 -9.05
N GLN B 201 19.69 -21.69 -7.75
CA GLN B 201 18.61 -22.50 -7.17
C GLN B 201 17.33 -21.70 -6.99
N THR B 202 16.20 -22.35 -7.25
CA THR B 202 14.91 -21.75 -7.06
C THR B 202 14.59 -21.79 -5.56
N LYS B 203 14.31 -20.62 -4.97
CA LYS B 203 13.95 -20.44 -3.57
C LYS B 203 12.77 -19.47 -3.46
N ASP B 204 12.33 -19.17 -2.23
CA ASP B 204 11.30 -18.16 -2.05
C ASP B 204 11.67 -17.14 -1.01
N VAL B 205 11.27 -15.90 -1.26
CA VAL B 205 11.29 -14.86 -0.23
C VAL B 205 9.87 -14.74 0.30
N VAL B 206 9.75 -14.35 1.56
CA VAL B 206 8.47 -14.19 2.23
C VAL B 206 8.18 -12.69 2.37
N ILE B 207 7.06 -12.25 1.84
CA ILE B 207 6.69 -10.83 1.92
C ILE B 207 6.55 -10.41 3.39
N GLY B 208 7.15 -9.28 3.73
CA GLY B 208 7.17 -8.76 5.10
C GLY B 208 8.22 -9.38 5.97
N GLN B 209 9.12 -10.19 5.41
CA GLN B 209 10.17 -10.83 6.19
C GLN B 209 11.52 -10.61 5.55
N GLU B 210 12.47 -10.13 6.34
CA GLU B 210 13.83 -9.86 5.85
C GLU B 210 14.48 -11.12 5.28
N TYR B 211 15.14 -10.97 4.14
CA TYR B 211 15.83 -12.07 3.45
C TYR B 211 17.29 -11.67 3.34
N LYS B 212 18.15 -12.42 4.00
CA LYS B 212 19.59 -12.13 4.03
C LYS B 212 20.34 -13.03 3.06
N PHE B 213 21.29 -12.45 2.35
CA PHE B 213 22.11 -13.18 1.39
C PHE B 213 23.41 -12.46 1.14
N THR B 214 24.32 -13.15 0.47
CA THR B 214 25.63 -12.59 0.14
C THR B 214 25.81 -12.57 -1.35
N LEU B 215 26.58 -11.59 -1.83
CA LEU B 215 27.12 -11.59 -3.18
C LEU B 215 28.61 -11.30 -3.12
N HIS B 216 29.38 -11.95 -4.01
CA HIS B 216 30.74 -11.54 -4.32
C HIS B 216 30.75 -10.95 -5.71
N ASP B 217 31.90 -10.41 -6.12
CA ASP B 217 32.11 -9.86 -7.45
C ASP B 217 31.55 -10.79 -8.53
N HIS B 218 30.84 -10.20 -9.50
CA HIS B 218 30.22 -10.89 -10.64
C HIS B 218 28.92 -11.64 -10.32
N GLN B 219 28.58 -11.80 -9.04
CA GLN B 219 27.47 -12.60 -8.66
C GLN B 219 26.17 -11.80 -8.69
N SER B 220 25.07 -12.48 -9.02
CA SER B 220 23.76 -11.87 -9.00
C SER B 220 22.74 -12.76 -8.32
N ILE B 221 21.60 -12.16 -8.02
CA ILE B 221 20.43 -12.82 -7.47
C ILE B 221 19.24 -12.18 -8.19
N MET B 222 18.16 -12.91 -8.42
CA MET B 222 17.07 -12.37 -9.21
C MET B 222 15.70 -12.84 -8.69
N LEU B 223 14.72 -11.95 -8.68
CA LEU B 223 13.35 -12.26 -8.33
C LEU B 223 12.66 -12.16 -9.71
N ALA B 224 12.12 -13.23 -10.23
CA ALA B 224 11.64 -13.22 -11.61
C ALA B 224 10.17 -13.06 -12.01
N LYS B 225 9.29 -13.32 -11.06
CA LYS B 225 7.85 -13.24 -11.17
C LYS B 225 7.39 -12.40 -9.96
N LEU B 226 7.88 -11.18 -9.96
CA LEU B 226 7.74 -10.25 -8.90
C LEU B 226 6.43 -9.47 -9.05
N PRO B 227 5.62 -9.38 -7.99
CA PRO B 227 4.43 -8.55 -8.08
C PRO B 227 4.70 -7.08 -8.41
N ILE B 228 3.80 -6.50 -9.19
CA ILE B 228 3.83 -5.08 -9.53
C ILE B 228 3.18 -4.26 -8.41
N GLY B 229 3.82 -3.18 -8.04
CA GLY B 229 3.27 -2.23 -7.08
C GLY B 229 3.61 -2.51 -5.64
N ILE B 230 4.51 -3.45 -5.38
CA ILE B 230 5.01 -3.62 -4.04
C ILE B 230 6.26 -2.79 -3.88
N SER B 231 6.54 -2.40 -2.64
CA SER B 231 7.76 -1.68 -2.31
C SER B 231 8.74 -2.61 -1.66
N TYR B 232 10.00 -2.41 -2.02
CA TYR B 232 11.10 -3.17 -1.46
C TYR B 232 12.26 -2.26 -1.06
N LYS B 233 13.12 -2.85 -0.24
CA LYS B 233 14.27 -2.14 0.34
C LYS B 233 15.44 -3.10 0.33
N LEU B 234 16.57 -2.64 -0.19
CA LEU B 234 17.82 -3.41 -0.21
C LEU B 234 18.86 -2.63 0.54
N THR B 235 19.55 -3.29 1.47
CA THR B 235 20.70 -2.70 2.16
C THR B 235 21.91 -3.61 2.06
N GLU B 236 23.11 -3.04 2.09
CA GLU B 236 24.34 -3.81 2.25
C GLU B 236 25.02 -3.43 3.57
N ASP B 237 25.49 -4.40 4.34
CA ASP B 237 26.27 -4.10 5.53
C ASP B 237 27.60 -3.45 5.11
N LYS B 238 28.03 -2.47 5.89
CA LYS B 238 29.29 -1.74 5.61
C LYS B 238 30.42 -2.75 5.58
N ALA B 239 31.23 -2.70 4.53
CA ALA B 239 32.37 -3.60 4.40
C ALA B 239 33.65 -2.80 4.68
N ASP B 240 34.44 -3.27 5.64
CA ASP B 240 35.72 -2.62 5.95
C ASP B 240 36.59 -2.59 4.72
N GLY B 241 37.09 -1.40 4.39
CA GLY B 241 37.98 -1.21 3.26
C GLY B 241 37.31 -0.91 1.95
N TYR B 242 35.97 -0.80 1.94
CA TYR B 242 35.25 -0.48 0.71
C TYR B 242 34.22 0.60 0.89
N THR B 243 34.01 1.37 -0.17
CA THR B 243 32.92 2.35 -0.26
C THR B 243 31.89 1.80 -1.24
N THR B 244 30.62 1.88 -0.84
CA THR B 244 29.53 1.18 -1.51
C THR B 244 28.51 2.14 -2.09
N THR B 245 28.29 2.05 -3.39
CA THR B 245 27.23 2.79 -4.09
C THR B 245 26.41 1.83 -4.93
N ALA B 246 25.29 2.33 -5.45
CA ALA B 246 24.40 1.50 -6.24
C ALA B 246 23.64 2.31 -7.29
N THR B 247 23.27 1.66 -8.38
CA THR B 247 22.39 2.24 -9.38
C THR B 247 21.23 1.31 -9.66
N LEU B 248 20.14 1.89 -10.12
CA LEU B 248 18.94 1.17 -10.51
C LEU B 248 18.71 1.47 -11.98
N LYS B 249 18.63 0.41 -12.79
CA LYS B 249 18.30 0.55 -14.20
C LYS B 249 16.87 0.04 -14.41
N GLU B 250 15.98 0.91 -14.88
CA GLU B 250 14.59 0.57 -15.14
C GLU B 250 14.39 0.28 -16.62
N GLY B 251 14.30 -1.01 -16.97
CA GLY B 251 14.09 -1.43 -18.35
C GLY B 251 15.19 -0.88 -19.25
N GLU B 252 14.79 -0.15 -20.30
CA GLU B 252 15.72 0.46 -21.26
C GLU B 252 16.23 1.85 -20.84
N ILE B 253 15.54 2.49 -19.88
CA ILE B 253 15.91 3.82 -19.35
C ILE B 253 17.31 3.80 -18.74
N ASP B 254 17.98 4.96 -18.75
CA ASP B 254 19.32 5.11 -18.17
C ASP B 254 19.35 4.81 -16.67
N ALA B 255 20.44 4.18 -16.24
CA ALA B 255 20.69 3.90 -14.84
C ALA B 255 20.76 5.20 -14.02
N LYS B 256 19.90 5.31 -13.00
CA LYS B 256 19.94 6.37 -11.98
C LYS B 256 20.51 5.81 -10.67
N GLU B 257 20.82 6.68 -9.71
CA GLU B 257 21.27 6.24 -8.37
C GLU B 257 20.15 5.45 -7.66
N TYR B 258 20.54 4.39 -6.96
CA TYR B 258 19.70 3.73 -5.96
C TYR B 258 20.39 3.97 -4.63
N VAL B 259 19.67 4.59 -3.70
CA VAL B 259 20.18 4.79 -2.35
C VAL B 259 19.84 3.51 -1.59
N LEU B 260 20.87 2.78 -1.18
CA LEU B 260 20.69 1.56 -0.43
C LEU B 260 19.91 1.89 0.84
N GLY B 261 18.89 1.08 1.11
CA GLY B 261 18.02 1.31 2.25
C GLY B 261 16.79 2.13 2.01
N ASN B 262 16.58 2.65 0.81
CA ASN B 262 15.36 3.39 0.48
C ASN B 262 14.34 2.51 -0.20
N LEU B 263 13.07 2.82 -0.01
CA LEU B 263 11.97 2.07 -0.60
C LEU B 263 11.90 2.36 -2.07
N GLN B 264 11.74 1.31 -2.87
CA GLN B 264 11.51 1.40 -4.28
C GLN B 264 10.24 0.63 -4.59
N LYS B 265 9.36 1.19 -5.39
CA LYS B 265 8.15 0.51 -5.79
C LYS B 265 8.38 -0.24 -7.09
N THR B 266 7.93 -1.49 -7.17
CA THR B 266 8.04 -2.25 -8.43
C THR B 266 6.99 -1.73 -9.42
N ASP B 267 7.32 -1.74 -10.71
CA ASP B 267 6.36 -1.38 -11.76
C ASP B 267 6.57 -2.29 -12.98
N GLU B 268 6.02 -1.93 -14.13
CA GLU B 268 6.01 -2.86 -15.28
C GLU B 268 7.39 -3.13 -15.87
N SER B 269 8.31 -2.19 -15.74
CA SER B 269 9.64 -2.40 -16.33
C SER B 269 10.50 -3.26 -15.41
N ALA B 270 11.40 -4.02 -16.02
CA ALA B 270 12.34 -4.88 -15.28
C ALA B 270 13.49 -4.05 -14.70
N ASP B 271 13.72 -4.22 -13.41
CA ASP B 271 14.74 -3.49 -12.65
C ASP B 271 16.04 -4.32 -12.58
N GLU B 272 17.18 -3.65 -12.71
CA GLU B 272 18.46 -4.21 -12.29
C GLU B 272 19.13 -3.21 -11.37
N ILE B 273 19.56 -3.68 -10.19
CA ILE B 273 20.37 -2.89 -9.29
C ILE B 273 21.78 -3.44 -9.35
N VAL B 274 22.74 -2.57 -9.62
CA VAL B 274 24.15 -2.91 -9.60
C VAL B 274 24.75 -2.21 -8.39
N VAL B 275 25.30 -3.00 -7.48
CA VAL B 275 25.91 -2.47 -6.26
C VAL B 275 27.43 -2.54 -6.47
N THR B 276 28.09 -1.37 -6.44
CA THR B 276 29.56 -1.29 -6.61
C THR B 276 30.26 -1.08 -5.27
N ASN B 277 31.14 -2.00 -4.92
CA ASN B 277 31.98 -1.88 -3.73
C ASN B 277 33.37 -1.48 -4.18
N LYS B 278 33.72 -0.21 -3.99
CA LYS B 278 35.00 0.32 -4.43
C LYS B 278 36.01 0.21 -3.30
N ARG B 279 37.14 -0.43 -3.60
CA ARG B 279 38.24 -0.54 -2.64
C ARG B 279 38.71 0.87 -2.24
N ASP B 280 38.86 1.10 -0.95
CA ASP B 280 39.39 2.38 -0.45
C ASP B 280 40.91 2.37 -0.58
#